data_5MJU
#
_entry.id   5MJU
#
_cell.length_a   124.330
_cell.length_b   124.330
_cell.length_c   90.810
_cell.angle_alpha   90.00
_cell.angle_beta   90.00
_cell.angle_gamma   120.00
#
_symmetry.space_group_name_H-M   'P 63'
#
loop_
_entity.id
_entity.type
_entity.pdbx_description
1 polymer 'Excitatory amino acid transporter 1,Neutral amino acid transporter B(0),Excitatory amino acid transporter 1'
2 non-polymer 2-Amino-5,6,7,8-tetrahydro-4-(4-methoxyphenyl)-7-(naphthalen-1-yl)-5-oxo-4H-chromene-3-carbonitrile
3 non-polymer '(2~{S},3~{S})-2-azanyl-3-[[3-[[4-(trifluoromethyl)phenyl]carbonylamino]phenyl]methoxy]butanedioic acid'
#
_entity_poly.entity_id   1
_entity_poly.type   'polypeptide(L)'
_entity_poly.pdbx_seq_one_letter_code
;MTKSNGEEPKMGGRMERFQQGVSKRTLLAKKKVQNITKEDVKSFLRRNALLLLTVLAVILGVVLGFLLRPYPLSPREVKY
FAFPGELLMRMLKMLILPLIVSSLITGLASLDAKASGRLGMRAVVYYMSTTIIAVVLGIILVLIIHPGAASAAITASVGA
AGSAENAPSKEVLDCFLDLARNIFPSNLVSAAFRSYSTTYEERTITGTRVKVPVGQEVEGMNILGLVVFSMVFGFALGKM
GEQGQLLVDFFNSLNEATMKLVAIIMWYAPLGILFLIAGKIVEMEDLEVLGGQLGMYMVTVIVGLVIHGLIVLPLIYFLI
TRKNPFVFIAGILQALITALGTSSSSATLPITFKCLEENNGVDKRITRFVLPVGATINMDGTALYEAVAAIFIAQVNNYE
LDFGQIITISITATAASIGAAGIPQAGLVTMVIVLTAVGLPTDDITLIIAVDWLLDRFRTMVNVLGDALGAGIVEHLSRK
ELEKQDAELGNSVIEENEMKKPYQLIAQDNETEKPIDSETKM
;
_entity_poly.pdbx_strand_id   A
#
loop_
_chem_comp.id
_chem_comp.type
_chem_comp.name
_chem_comp.formula
6Z6 non-polymer 2-Amino-5,6,7,8-tetrahydro-4-(4-methoxyphenyl)-7-(naphthalen-1-yl)-5-oxo-4H-chromene-3-carbonitrile 'C27 H22 N2 O3'
7O9 non-polymer '(2~{S},3~{S})-2-azanyl-3-[[3-[[4-(trifluoromethyl)phenyl]carbonylamino]phenyl]methoxy]butanedioic acid' 'C19 H17 F3 N2 O6'
#
# COMPACT_ATOMS: atom_id res chain seq x y z
N THR A 37 -15.80 -19.42 27.63
CA THR A 37 -15.92 -18.50 26.50
C THR A 37 -15.68 -17.03 26.93
N LYS A 38 -16.43 -16.55 27.94
CA LYS A 38 -16.33 -15.18 28.48
C LYS A 38 -15.32 -15.12 29.66
N GLU A 39 -14.59 -16.22 29.90
CA GLU A 39 -13.59 -16.32 30.97
C GLU A 39 -12.18 -16.01 30.47
N ASP A 40 -11.88 -16.30 29.19
CA ASP A 40 -10.58 -16.07 28.55
C ASP A 40 -10.51 -14.70 27.83
N VAL A 41 -11.03 -13.64 28.48
CA VAL A 41 -11.06 -12.27 27.96
C VAL A 41 -9.79 -11.49 28.40
N LYS A 42 -9.38 -11.65 29.67
CA LYS A 42 -8.19 -11.00 30.25
C LYS A 42 -6.87 -11.47 29.60
N SER A 43 -6.83 -12.74 29.12
CA SER A 43 -5.67 -13.33 28.44
C SER A 43 -5.45 -12.70 27.05
N PHE A 44 -6.47 -11.99 26.53
CA PHE A 44 -6.47 -11.28 25.24
C PHE A 44 -6.20 -9.78 25.44
N LEU A 45 -6.59 -9.23 26.61
CA LEU A 45 -6.40 -7.83 26.98
C LEU A 45 -4.94 -7.51 27.35
N ARG A 46 -4.16 -8.56 27.68
CA ARG A 46 -2.74 -8.46 28.04
C ARG A 46 -1.83 -8.76 26.84
N ARG A 47 -2.23 -9.74 26.01
CA ARG A 47 -1.53 -10.22 24.81
C ARG A 47 -1.54 -9.15 23.71
N ASN A 48 -2.74 -8.84 23.15
CA ASN A 48 -2.94 -7.86 22.09
C ASN A 48 -3.38 -6.51 22.70
N ALA A 49 -2.60 -6.01 23.68
CA ALA A 49 -2.87 -4.75 24.37
C ALA A 49 -2.76 -3.54 23.44
N LEU A 50 -1.71 -3.50 22.58
CA LEU A 50 -1.50 -2.41 21.63
C LEU A 50 -2.51 -2.47 20.48
N LEU A 51 -2.95 -3.69 20.09
CA LEU A 51 -3.95 -3.87 19.04
C LEU A 51 -5.30 -3.33 19.49
N LEU A 52 -5.59 -3.39 20.79
CA LEU A 52 -6.82 -2.83 21.36
C LEU A 52 -6.68 -1.33 21.46
N LEU A 53 -5.46 -0.82 21.76
CA LEU A 53 -5.14 0.59 21.88
C LEU A 53 -5.31 1.36 20.56
N THR A 54 -4.88 0.77 19.43
CA THR A 54 -5.01 1.38 18.10
C THR A 54 -6.47 1.34 17.63
N VAL A 55 -7.25 0.34 18.11
CA VAL A 55 -8.68 0.20 17.81
C VAL A 55 -9.43 1.27 18.61
N LEU A 56 -9.09 1.42 19.91
CA LEU A 56 -9.66 2.42 20.81
C LEU A 56 -9.32 3.82 20.34
N ALA A 57 -8.15 3.99 19.66
CA ALA A 57 -7.70 5.26 19.08
C ALA A 57 -8.58 5.62 17.88
N VAL A 58 -9.06 4.60 17.13
CA VAL A 58 -9.97 4.74 15.99
C VAL A 58 -11.33 5.18 16.57
N ILE A 59 -11.73 4.59 17.72
CA ILE A 59 -12.97 4.90 18.44
C ILE A 59 -12.93 6.34 18.95
N LEU A 60 -11.88 6.69 19.74
CA LEU A 60 -11.68 8.03 20.31
C LEU A 60 -11.41 9.11 19.25
N GLY A 61 -10.88 8.69 18.10
CA GLY A 61 -10.60 9.57 16.97
C GLY A 61 -11.90 10.12 16.37
N VAL A 62 -12.94 9.28 16.34
CA VAL A 62 -14.27 9.64 15.87
C VAL A 62 -14.92 10.55 16.94
N VAL A 63 -14.68 10.24 18.24
CA VAL A 63 -15.17 10.96 19.42
C VAL A 63 -14.67 12.42 19.46
N LEU A 64 -13.34 12.63 19.61
CA LEU A 64 -12.71 13.94 19.70
C LEU A 64 -12.87 14.81 18.45
N GLY A 65 -12.89 14.17 17.28
CA GLY A 65 -13.05 14.84 15.99
C GLY A 65 -14.41 15.47 15.84
N PHE A 66 -15.48 14.72 16.17
CA PHE A 66 -16.85 15.22 16.12
C PHE A 66 -17.17 16.17 17.27
N LEU A 67 -16.40 16.06 18.38
CA LEU A 67 -16.52 16.91 19.58
C LEU A 67 -16.04 18.32 19.24
N LEU A 68 -14.92 18.42 18.47
CA LEU A 68 -14.33 19.69 18.06
C LEU A 68 -14.80 20.17 16.68
N ARG A 69 -15.73 19.43 16.05
CA ARG A 69 -16.32 19.77 14.75
C ARG A 69 -17.14 21.10 14.78
N PRO A 70 -18.01 21.38 15.81
CA PRO A 70 -18.77 22.66 15.79
C PRO A 70 -17.89 23.92 15.78
N TYR A 71 -16.70 23.84 16.40
CA TYR A 71 -15.70 24.91 16.49
C TYR A 71 -15.16 25.28 15.08
N PRO A 72 -14.49 26.45 14.88
CA PRO A 72 -13.98 26.78 13.54
C PRO A 72 -12.83 25.88 13.05
N LEU A 73 -12.94 25.44 11.79
CA LEU A 73 -11.98 24.57 11.10
C LEU A 73 -10.87 25.38 10.37
N SER A 74 -10.33 26.40 11.08
CA SER A 74 -9.26 27.29 10.59
C SER A 74 -8.03 26.48 10.11
N PRO A 75 -7.42 26.84 8.96
CA PRO A 75 -6.27 26.06 8.45
C PRO A 75 -5.18 25.74 9.47
N ARG A 76 -4.60 26.78 10.13
CA ARG A 76 -3.54 26.65 11.15
C ARG A 76 -4.01 25.76 12.30
N GLU A 77 -5.18 26.10 12.87
CA GLU A 77 -5.84 25.40 13.99
C GLU A 77 -6.02 23.89 13.75
N VAL A 78 -6.38 23.51 12.52
CA VAL A 78 -6.57 22.12 12.12
C VAL A 78 -5.21 21.42 12.07
N LYS A 79 -4.23 22.04 11.37
CA LYS A 79 -2.86 21.54 11.23
C LYS A 79 -2.12 21.42 12.58
N TYR A 80 -2.53 22.21 13.59
CA TYR A 80 -1.94 22.14 14.92
C TYR A 80 -2.55 21.01 15.73
N PHE A 81 -3.85 20.73 15.51
CA PHE A 81 -4.57 19.64 16.17
C PHE A 81 -4.14 18.31 15.56
N ALA A 82 -3.94 18.29 14.22
CA ALA A 82 -3.51 17.10 13.48
C ALA A 82 -1.96 16.93 13.50
N PHE A 83 -1.28 17.56 14.47
CA PHE A 83 0.17 17.48 14.62
C PHE A 83 0.65 16.14 15.23
N PRO A 84 0.01 15.54 16.27
CA PRO A 84 0.53 14.26 16.80
C PRO A 84 0.37 13.07 15.83
N GLY A 85 -0.48 13.25 14.81
CA GLY A 85 -0.71 12.28 13.74
C GLY A 85 0.25 12.56 12.60
N GLU A 86 0.69 13.82 12.51
CA GLU A 86 1.65 14.33 11.53
C GLU A 86 3.03 13.80 11.90
N LEU A 87 3.41 13.91 13.19
CA LEU A 87 4.69 13.42 13.71
C LEU A 87 4.90 11.95 13.40
N LEU A 88 3.80 11.15 13.47
CA LEU A 88 3.79 9.71 13.21
C LEU A 88 4.23 9.38 11.78
N MET A 89 3.70 10.14 10.80
CA MET A 89 3.98 10.00 9.37
C MET A 89 5.45 10.29 9.02
N ARG A 90 6.08 11.20 9.78
CA ARG A 90 7.48 11.59 9.61
C ARG A 90 8.40 10.43 10.05
N MET A 91 8.08 9.80 11.20
CA MET A 91 8.81 8.65 11.73
C MET A 91 8.63 7.47 10.78
N LEU A 92 7.40 7.27 10.29
CA LEU A 92 7.03 6.18 9.39
C LEU A 92 7.66 6.28 8.01
N LYS A 93 7.68 7.47 7.39
CA LYS A 93 8.26 7.65 6.07
C LYS A 93 9.80 7.68 6.07
N MET A 94 10.43 8.00 7.23
CA MET A 94 11.90 8.02 7.34
C MET A 94 12.45 6.61 7.34
N LEU A 95 11.62 5.68 7.79
CA LEU A 95 11.94 4.27 7.93
C LEU A 95 11.79 3.48 6.64
N ILE A 96 10.99 3.98 5.64
CA ILE A 96 10.74 3.26 4.38
C ILE A 96 11.98 3.22 3.48
N LEU A 97 12.69 4.35 3.35
CA LEU A 97 13.90 4.46 2.53
C LEU A 97 14.98 3.42 2.91
N PRO A 98 15.42 3.27 4.20
CA PRO A 98 16.43 2.24 4.49
C PRO A 98 15.81 0.84 4.59
N LEU A 99 14.47 0.75 4.50
CA LEU A 99 13.74 -0.50 4.52
C LEU A 99 13.72 -1.12 3.11
N ILE A 100 13.11 -0.43 2.11
CA ILE A 100 12.96 -0.91 0.72
C ILE A 100 14.29 -1.22 0.02
N VAL A 101 15.34 -0.43 0.30
CA VAL A 101 16.67 -0.61 -0.27
C VAL A 101 17.29 -1.91 0.25
N SER A 102 17.40 -2.04 1.59
CA SER A 102 17.96 -3.20 2.27
C SER A 102 17.13 -4.46 2.08
N SER A 103 15.80 -4.30 1.93
CA SER A 103 14.86 -5.41 1.71
C SER A 103 15.11 -6.09 0.36
N LEU A 104 15.04 -5.33 -0.73
CA LEU A 104 15.26 -5.86 -2.08
C LEU A 104 16.71 -6.27 -2.34
N ILE A 105 17.70 -5.59 -1.73
CA ILE A 105 19.11 -5.97 -1.93
C ILE A 105 19.37 -7.36 -1.35
N THR A 106 19.01 -7.62 -0.07
CA THR A 106 19.19 -8.95 0.53
C THR A 106 18.17 -9.96 -0.01
N GLY A 107 16.98 -9.47 -0.38
CA GLY A 107 15.88 -10.26 -0.92
C GLY A 107 16.15 -10.98 -2.23
N LEU A 108 16.99 -10.39 -3.09
CA LEU A 108 17.36 -10.95 -4.40
C LEU A 108 18.73 -11.65 -4.37
N ALA A 109 19.59 -11.27 -3.41
CA ALA A 109 20.92 -11.86 -3.24
C ALA A 109 20.78 -13.24 -2.59
N SER A 110 19.78 -13.41 -1.69
CA SER A 110 19.49 -14.66 -0.99
C SER A 110 18.62 -15.63 -1.82
N LEU A 111 18.57 -15.42 -3.15
CA LEU A 111 17.81 -16.23 -4.09
C LEU A 111 18.61 -16.52 -5.35
N ASP A 112 18.46 -17.74 -5.89
CA ASP A 112 19.14 -18.23 -7.10
C ASP A 112 18.61 -17.51 -8.34
N ALA A 113 19.39 -17.56 -9.45
CA ALA A 113 19.05 -16.94 -10.73
C ALA A 113 17.66 -17.33 -11.21
N LYS A 114 17.34 -18.64 -11.18
CA LYS A 114 16.02 -19.11 -11.58
C LYS A 114 15.02 -18.88 -10.44
N ALA A 115 15.45 -19.03 -9.17
CA ALA A 115 14.61 -18.84 -7.99
C ALA A 115 14.01 -17.43 -7.88
N SER A 116 14.80 -16.40 -8.28
CA SER A 116 14.39 -14.98 -8.28
C SER A 116 13.35 -14.72 -9.36
N GLY A 117 13.55 -15.32 -10.53
CA GLY A 117 12.63 -15.22 -11.66
C GLY A 117 11.32 -15.93 -11.38
N ARG A 118 11.40 -17.14 -10.76
CA ARG A 118 10.26 -17.97 -10.38
C ARG A 118 9.37 -17.25 -9.38
N LEU A 119 9.92 -16.93 -8.18
CA LEU A 119 9.24 -16.19 -7.11
C LEU A 119 8.59 -14.92 -7.66
N GLY A 120 9.30 -14.25 -8.58
CA GLY A 120 8.86 -13.05 -9.26
C GLY A 120 7.66 -13.29 -10.17
N MET A 121 7.74 -14.32 -11.02
CA MET A 121 6.65 -14.71 -11.95
C MET A 121 5.39 -15.09 -11.19
N ARG A 122 5.55 -15.73 -10.00
CA ARG A 122 4.46 -16.11 -9.11
C ARG A 122 3.79 -14.86 -8.53
N ALA A 123 4.61 -13.85 -8.20
CA ALA A 123 4.13 -12.59 -7.65
C ALA A 123 3.46 -11.73 -8.71
N VAL A 124 4.04 -11.64 -9.93
CA VAL A 124 3.50 -10.84 -11.05
C VAL A 124 2.16 -11.41 -11.53
N VAL A 125 2.05 -12.76 -11.66
CA VAL A 125 0.81 -13.41 -12.07
C VAL A 125 -0.29 -13.14 -11.03
N TYR A 126 0.10 -13.04 -9.75
CA TYR A 126 -0.79 -12.72 -8.64
C TYR A 126 -1.18 -11.22 -8.67
N TYR A 127 -0.19 -10.32 -8.82
CA TYR A 127 -0.36 -8.85 -8.87
C TYR A 127 -1.35 -8.43 -9.95
N MET A 128 -1.09 -8.87 -11.21
CA MET A 128 -1.89 -8.57 -12.40
C MET A 128 -3.32 -9.09 -12.30
N SER A 129 -3.51 -10.29 -11.71
CA SER A 129 -4.83 -10.87 -11.55
C SER A 129 -5.63 -10.16 -10.46
N THR A 130 -5.01 -9.88 -9.29
CA THR A 130 -5.69 -9.19 -8.18
C THR A 130 -6.07 -7.75 -8.54
N THR A 131 -5.37 -7.13 -9.50
CA THR A 131 -5.68 -5.80 -10.01
C THR A 131 -6.67 -5.90 -11.18
N ILE A 132 -6.90 -7.13 -11.72
CA ILE A 132 -7.81 -7.41 -12.82
C ILE A 132 -9.20 -7.86 -12.28
N ILE A 133 -9.23 -8.56 -11.12
CA ILE A 133 -10.49 -9.01 -10.48
C ILE A 133 -11.18 -7.81 -9.83
N ALA A 134 -10.40 -6.96 -9.15
CA ALA A 134 -10.86 -5.75 -8.46
C ALA A 134 -11.46 -4.74 -9.45
N VAL A 135 -10.94 -4.68 -10.70
CA VAL A 135 -11.45 -3.78 -11.72
C VAL A 135 -12.73 -4.38 -12.35
N VAL A 136 -12.77 -5.71 -12.56
CA VAL A 136 -13.94 -6.41 -13.12
C VAL A 136 -15.14 -6.28 -12.18
N LEU A 137 -14.96 -6.59 -10.88
CA LEU A 137 -15.97 -6.48 -9.84
C LEU A 137 -16.34 -5.00 -9.62
N GLY A 138 -15.34 -4.12 -9.75
CA GLY A 138 -15.50 -2.68 -9.63
C GLY A 138 -16.34 -2.09 -10.74
N ILE A 139 -16.24 -2.68 -11.96
CA ILE A 139 -17.01 -2.27 -13.12
C ILE A 139 -18.46 -2.80 -13.03
N ILE A 140 -18.64 -4.00 -12.44
CA ILE A 140 -19.96 -4.65 -12.26
C ILE A 140 -20.84 -3.85 -11.29
N LEU A 141 -20.37 -3.60 -10.04
CA LEU A 141 -21.09 -2.88 -9.00
C LEU A 141 -21.60 -1.48 -9.42
N VAL A 142 -20.80 -0.72 -10.19
CA VAL A 142 -21.15 0.61 -10.67
C VAL A 142 -22.15 0.53 -11.86
N LEU A 143 -22.05 -0.51 -12.70
CA LEU A 143 -22.95 -0.67 -13.84
C LEU A 143 -24.25 -1.40 -13.47
N ILE A 144 -24.29 -2.04 -12.28
CA ILE A 144 -25.48 -2.75 -11.78
C ILE A 144 -26.29 -1.84 -10.85
N ILE A 145 -25.65 -1.28 -9.81
CA ILE A 145 -26.34 -0.42 -8.84
C ILE A 145 -26.54 1.01 -9.40
N HIS A 146 -25.44 1.71 -9.74
CA HIS A 146 -25.49 3.07 -10.29
C HIS A 146 -25.91 3.03 -11.76
N GLU A 171 0.11 16.41 -20.23
CA GLU A 171 0.01 15.53 -21.39
C GLU A 171 0.05 14.06 -20.95
N VAL A 172 -0.80 13.21 -21.57
CA VAL A 172 -0.89 11.77 -21.25
C VAL A 172 0.37 11.00 -21.69
N LEU A 173 1.03 11.45 -22.78
CA LEU A 173 2.26 10.82 -23.29
C LEU A 173 3.42 11.12 -22.34
N ASP A 174 3.51 12.37 -21.85
CA ASP A 174 4.53 12.83 -20.91
C ASP A 174 4.48 12.10 -19.57
N CYS A 175 3.35 11.43 -19.27
CA CYS A 175 3.18 10.64 -18.05
C CYS A 175 3.86 9.28 -18.21
N PHE A 176 3.76 8.68 -19.42
CA PHE A 176 4.41 7.41 -19.77
C PHE A 176 5.93 7.59 -19.74
N LEU A 177 6.43 8.69 -20.31
CA LEU A 177 7.85 9.02 -20.41
C LEU A 177 8.49 9.31 -19.05
N ASP A 178 7.77 10.03 -18.16
CA ASP A 178 8.27 10.38 -16.82
C ASP A 178 8.46 9.14 -15.96
N LEU A 179 7.54 8.15 -16.09
CA LEU A 179 7.56 6.87 -15.39
C LEU A 179 8.81 6.10 -15.82
N ALA A 180 9.11 6.09 -17.13
CA ALA A 180 10.28 5.45 -17.73
C ALA A 180 11.54 6.18 -17.30
N ARG A 181 11.46 7.54 -17.19
CA ARG A 181 12.56 8.38 -16.72
C ARG A 181 12.82 8.08 -15.25
N ASN A 182 11.76 7.74 -14.51
CA ASN A 182 11.88 7.41 -13.10
C ASN A 182 12.34 5.96 -12.83
N ILE A 183 12.08 5.01 -13.78
CA ILE A 183 12.52 3.61 -13.66
C ILE A 183 14.05 3.55 -13.66
N PHE A 184 14.70 4.37 -14.51
CA PHE A 184 16.14 4.48 -14.59
C PHE A 184 16.56 5.86 -14.05
N PRO A 185 16.90 5.98 -12.75
CA PRO A 185 17.26 7.31 -12.22
C PRO A 185 18.58 7.83 -12.76
N SER A 186 18.69 9.15 -12.98
CA SER A 186 19.92 9.78 -13.49
C SER A 186 20.96 9.88 -12.36
N ASN A 187 20.48 9.95 -11.09
CA ASN A 187 21.31 10.06 -9.87
C ASN A 187 20.64 9.34 -8.70
N LEU A 188 21.41 8.50 -8.01
CA LEU A 188 20.89 7.70 -6.90
C LEU A 188 20.58 8.51 -5.63
N VAL A 189 21.50 9.41 -5.19
CA VAL A 189 21.31 10.25 -3.98
C VAL A 189 20.03 11.09 -4.19
N SER A 190 19.84 11.61 -5.43
CA SER A 190 18.67 12.39 -5.81
C SER A 190 17.43 11.51 -5.65
N ALA A 191 17.45 10.28 -6.22
CA ALA A 191 16.36 9.30 -6.17
C ALA A 191 15.84 9.02 -4.75
N ALA A 192 16.70 9.21 -3.73
CA ALA A 192 16.36 9.04 -2.34
C ALA A 192 15.47 10.17 -1.74
N PHE A 193 15.16 11.21 -2.53
CA PHE A 193 14.34 12.34 -2.09
C PHE A 193 13.69 13.14 -3.25
N ARG A 194 13.92 12.71 -4.50
CA ARG A 194 13.41 13.40 -5.69
C ARG A 194 12.90 12.44 -6.73
N SER A 195 11.80 12.84 -7.38
CA SER A 195 11.14 12.13 -8.47
C SER A 195 11.16 13.05 -9.69
N TYR A 196 10.94 12.49 -10.88
CA TYR A 196 10.92 13.28 -12.09
C TYR A 196 9.49 13.63 -12.49
N SER A 197 9.27 14.92 -12.77
CA SER A 197 8.01 15.49 -13.23
C SER A 197 8.34 16.60 -14.24
N THR A 198 8.00 16.36 -15.50
CA THR A 198 8.27 17.26 -16.61
C THR A 198 7.45 18.57 -16.45
N THR A 199 8.06 19.72 -16.85
CA THR A 199 7.57 21.13 -16.76
C THR A 199 7.62 21.60 -15.29
N GLY A 215 13.47 22.21 -11.33
CA GLY A 215 12.60 22.45 -12.47
C GLY A 215 11.83 21.23 -12.92
N GLN A 216 12.56 20.20 -13.40
CA GLN A 216 11.98 18.94 -13.87
C GLN A 216 12.02 17.82 -12.81
N GLU A 217 12.60 18.11 -11.64
CA GLU A 217 12.66 17.17 -10.53
C GLU A 217 11.89 17.70 -9.34
N VAL A 218 10.79 17.01 -8.99
CA VAL A 218 9.89 17.33 -7.89
C VAL A 218 10.30 16.62 -6.60
N GLU A 219 9.91 17.17 -5.43
CA GLU A 219 10.21 16.58 -4.12
C GLU A 219 9.32 15.37 -3.85
N GLY A 220 9.93 14.37 -3.23
CA GLY A 220 9.31 13.11 -2.92
C GLY A 220 10.11 12.00 -3.56
N MET A 221 10.70 11.13 -2.73
CA MET A 221 11.52 9.97 -3.05
C MET A 221 11.02 9.23 -4.30
N ASN A 222 11.93 8.87 -5.23
CA ASN A 222 11.57 8.10 -6.41
C ASN A 222 11.65 6.62 -6.04
N ILE A 223 10.54 6.06 -5.51
CA ILE A 223 10.48 4.67 -5.07
C ILE A 223 10.73 3.69 -6.21
N LEU A 224 10.19 3.98 -7.39
CA LEU A 224 10.31 3.15 -8.59
C LEU A 224 11.76 2.93 -9.00
N GLY A 225 12.54 4.01 -9.06
CA GLY A 225 13.96 3.99 -9.38
C GLY A 225 14.80 3.29 -8.33
N LEU A 226 14.38 3.39 -7.06
CA LEU A 226 15.05 2.73 -5.94
C LEU A 226 14.76 1.23 -5.98
N VAL A 227 13.49 0.83 -6.18
CA VAL A 227 13.04 -0.57 -6.26
C VAL A 227 13.80 -1.28 -7.41
N VAL A 228 13.84 -0.65 -8.60
CA VAL A 228 14.55 -1.16 -9.78
C VAL A 228 16.06 -1.33 -9.50
N PHE A 229 16.74 -0.24 -9.04
CA PHE A 229 18.17 -0.28 -8.73
C PHE A 229 18.50 -1.30 -7.67
N SER A 230 17.75 -1.28 -6.54
CA SER A 230 17.93 -2.21 -5.43
C SER A 230 17.91 -3.66 -5.88
N MET A 231 17.03 -3.99 -6.87
CA MET A 231 16.90 -5.32 -7.44
C MET A 231 18.14 -5.74 -8.21
N VAL A 232 18.56 -4.94 -9.22
CA VAL A 232 19.73 -5.25 -10.06
C VAL A 232 21.03 -5.18 -9.24
N PHE A 233 21.14 -4.26 -8.25
CA PHE A 233 22.33 -4.16 -7.40
C PHE A 233 22.44 -5.41 -6.50
N GLY A 234 21.31 -5.80 -5.89
CA GLY A 234 21.22 -6.97 -5.01
C GLY A 234 21.51 -8.26 -5.75
N PHE A 235 20.98 -8.39 -6.97
CA PHE A 235 21.19 -9.55 -7.83
C PHE A 235 22.65 -9.60 -8.33
N ALA A 236 23.33 -8.42 -8.46
CA ALA A 236 24.73 -8.31 -8.88
C ALA A 236 25.66 -8.83 -7.78
N LEU A 237 25.21 -8.71 -6.50
CA LEU A 237 25.91 -9.20 -5.32
C LEU A 237 25.70 -10.72 -5.23
N GLY A 238 24.48 -11.16 -5.54
CA GLY A 238 24.09 -12.56 -5.57
C GLY A 238 24.67 -13.35 -6.73
N LYS A 239 25.47 -12.67 -7.58
CA LYS A 239 26.16 -13.23 -8.75
C LYS A 239 27.69 -13.24 -8.51
N MET A 240 28.18 -12.53 -7.47
CA MET A 240 29.61 -12.49 -7.13
C MET A 240 29.94 -13.24 -5.84
N GLY A 241 28.88 -13.64 -5.12
CA GLY A 241 28.93 -14.42 -3.89
C GLY A 241 29.83 -13.96 -2.77
N GLU A 242 30.93 -14.72 -2.52
CA GLU A 242 31.93 -14.50 -1.46
C GLU A 242 32.41 -13.05 -1.40
N GLN A 243 32.78 -12.47 -2.57
CA GLN A 243 33.21 -11.07 -2.68
C GLN A 243 32.07 -10.17 -2.20
N GLY A 244 30.90 -10.32 -2.82
CA GLY A 244 29.70 -9.56 -2.51
C GLY A 244 28.84 -10.13 -1.40
N GLN A 245 29.46 -10.74 -0.39
CA GLN A 245 28.74 -11.28 0.75
C GLN A 245 28.72 -10.20 1.84
N LEU A 246 29.85 -9.48 2.00
CA LEU A 246 30.05 -8.40 2.96
C LEU A 246 28.94 -7.35 2.90
N LEU A 247 28.64 -6.86 1.69
CA LEU A 247 27.59 -5.87 1.47
C LEU A 247 26.22 -6.43 1.81
N VAL A 248 25.98 -7.73 1.51
CA VAL A 248 24.71 -8.40 1.81
C VAL A 248 24.56 -8.57 3.32
N ASP A 249 25.67 -8.87 4.00
CA ASP A 249 25.68 -9.02 5.46
C ASP A 249 25.52 -7.64 6.15
N PHE A 250 25.85 -6.55 5.42
CA PHE A 250 25.71 -5.16 5.87
C PHE A 250 24.23 -4.77 5.76
N PHE A 251 23.63 -5.08 4.60
CA PHE A 251 22.24 -4.74 4.30
C PHE A 251 21.23 -5.60 5.08
N ASN A 252 21.66 -6.76 5.59
CA ASN A 252 20.80 -7.62 6.39
C ASN A 252 20.75 -7.11 7.84
N SER A 253 21.86 -6.50 8.32
CA SER A 253 21.99 -5.91 9.66
C SER A 253 21.23 -4.59 9.69
N LEU A 254 21.27 -3.85 8.57
CA LEU A 254 20.57 -2.57 8.39
C LEU A 254 19.06 -2.77 8.28
N ASN A 255 18.61 -3.87 7.62
CA ASN A 255 17.19 -4.20 7.51
C ASN A 255 16.69 -4.60 8.89
N GLU A 256 17.53 -5.30 9.66
CA GLU A 256 17.19 -5.72 11.03
C GLU A 256 17.10 -4.54 12.00
N ALA A 257 17.99 -3.53 11.84
CA ALA A 257 18.04 -2.32 12.66
C ALA A 257 16.80 -1.47 12.51
N THR A 258 16.31 -1.30 11.28
CA THR A 258 15.09 -0.53 11.01
C THR A 258 13.85 -1.34 11.43
N MET A 259 14.00 -2.67 11.58
CA MET A 259 12.92 -3.54 12.06
C MET A 259 12.83 -3.47 13.59
N LYS A 260 13.88 -2.93 14.24
CA LYS A 260 13.91 -2.70 15.68
C LYS A 260 13.32 -1.30 15.90
N LEU A 261 13.66 -0.34 15.00
CA LEU A 261 13.15 1.02 15.03
C LEU A 261 11.65 1.07 14.79
N VAL A 262 11.10 0.11 14.01
CA VAL A 262 9.66 0.04 13.73
C VAL A 262 8.90 -0.42 15.00
N ALA A 263 9.53 -1.28 15.83
CA ALA A 263 8.95 -1.76 17.08
C ALA A 263 8.87 -0.62 18.10
N ILE A 264 9.79 0.36 17.99
CA ILE A 264 9.86 1.55 18.83
C ILE A 264 8.73 2.52 18.46
N ILE A 265 8.64 2.88 17.15
CA ILE A 265 7.63 3.78 16.56
C ILE A 265 6.21 3.17 16.65
N MET A 266 6.11 1.84 16.83
CA MET A 266 4.88 1.07 16.97
C MET A 266 4.05 1.58 18.15
N TRP A 267 4.72 1.93 19.26
CA TRP A 267 4.09 2.42 20.46
C TRP A 267 3.49 3.84 20.31
N TYR A 268 3.99 4.61 19.33
CA TYR A 268 3.48 5.96 19.08
C TYR A 268 2.19 5.93 18.28
N ALA A 269 2.00 4.89 17.46
CA ALA A 269 0.84 4.68 16.58
C ALA A 269 -0.53 5.00 17.21
N PRO A 270 -0.93 4.53 18.43
CA PRO A 270 -2.27 4.91 18.94
C PRO A 270 -2.50 6.43 19.07
N LEU A 271 -1.51 7.16 19.63
CA LEU A 271 -1.54 8.62 19.82
C LEU A 271 -1.57 9.39 18.49
N GLY A 272 -1.05 8.77 17.44
CA GLY A 272 -1.00 9.32 16.10
C GLY A 272 -2.26 9.03 15.30
N ILE A 273 -2.67 7.75 15.22
CA ILE A 273 -3.87 7.28 14.49
C ILE A 273 -5.13 7.99 15.00
N LEU A 274 -5.13 8.40 16.29
CA LEU A 274 -6.20 9.16 16.92
C LEU A 274 -6.32 10.54 16.25
N PHE A 275 -5.28 11.39 16.36
CA PHE A 275 -5.19 12.73 15.79
C PHE A 275 -5.12 12.77 14.25
N LEU A 276 -4.79 11.62 13.60
CA LEU A 276 -4.75 11.54 12.14
C LEU A 276 -6.15 11.49 11.55
N ILE A 277 -7.08 10.75 12.22
CA ILE A 277 -8.48 10.64 11.79
C ILE A 277 -9.38 11.65 12.53
N ALA A 278 -8.94 12.15 13.71
CA ALA A 278 -9.69 13.15 14.48
C ALA A 278 -9.59 14.51 13.78
N GLY A 279 -8.38 14.82 13.29
CA GLY A 279 -8.10 16.06 12.57
C GLY A 279 -8.59 16.07 11.14
N LYS A 280 -8.78 14.89 10.53
CA LYS A 280 -9.21 14.80 9.14
C LYS A 280 -10.75 14.69 8.95
N ILE A 281 -11.53 14.54 10.05
CA ILE A 281 -12.99 14.52 9.93
C ILE A 281 -13.55 15.95 10.08
N VAL A 282 -12.67 16.90 10.46
CA VAL A 282 -12.98 18.32 10.60
C VAL A 282 -12.54 18.99 9.28
N GLU A 283 -13.14 18.51 8.16
CA GLU A 283 -12.85 18.94 6.79
C GLU A 283 -14.06 18.67 5.87
N GLY A 292 -26.73 12.18 -0.82
CA GLY A 292 -27.16 12.73 -2.10
C GLY A 292 -26.62 11.97 -3.29
N GLN A 293 -26.10 12.69 -4.30
CA GLN A 293 -25.53 12.12 -5.52
C GLN A 293 -24.20 11.38 -5.26
N LEU A 294 -23.34 11.94 -4.38
CA LEU A 294 -22.06 11.34 -4.00
C LEU A 294 -22.28 10.28 -2.92
N GLY A 295 -23.38 10.43 -2.16
CA GLY A 295 -23.78 9.52 -1.09
C GLY A 295 -23.91 8.09 -1.54
N MET A 296 -24.54 7.87 -2.71
CA MET A 296 -24.71 6.54 -3.30
C MET A 296 -23.40 6.00 -3.87
N TYR A 297 -22.55 6.90 -4.43
CA TYR A 297 -21.23 6.58 -5.00
C TYR A 297 -20.28 6.07 -3.92
N MET A 298 -20.32 6.70 -2.73
CA MET A 298 -19.53 6.37 -1.55
C MET A 298 -19.76 4.92 -1.12
N VAL A 299 -21.03 4.47 -1.13
CA VAL A 299 -21.43 3.11 -0.75
C VAL A 299 -21.01 2.09 -1.82
N THR A 300 -21.11 2.46 -3.13
CA THR A 300 -20.74 1.61 -4.28
C THR A 300 -19.30 1.10 -4.13
N VAL A 301 -18.36 2.03 -3.87
CA VAL A 301 -16.93 1.73 -3.70
C VAL A 301 -16.73 0.93 -2.40
N ILE A 302 -17.23 1.44 -1.24
CA ILE A 302 -17.10 0.83 0.09
C ILE A 302 -17.57 -0.65 0.07
N VAL A 303 -18.75 -0.93 -0.49
CA VAL A 303 -19.27 -2.30 -0.59
C VAL A 303 -18.43 -3.12 -1.58
N GLY A 304 -18.06 -2.52 -2.70
CA GLY A 304 -17.22 -3.13 -3.73
C GLY A 304 -15.89 -3.60 -3.18
N LEU A 305 -15.27 -2.77 -2.33
CA LEU A 305 -13.99 -3.05 -1.65
C LEU A 305 -14.15 -4.21 -0.66
N VAL A 306 -15.31 -4.27 0.04
CA VAL A 306 -15.62 -5.33 1.01
C VAL A 306 -15.75 -6.68 0.28
N ILE A 307 -16.41 -6.68 -0.91
CA ILE A 307 -16.58 -7.90 -1.72
C ILE A 307 -15.23 -8.39 -2.25
N HIS A 308 -14.38 -7.48 -2.76
CA HIS A 308 -13.07 -7.90 -3.26
C HIS A 308 -12.08 -8.26 -2.16
N GLY A 309 -12.09 -7.49 -1.08
CA GLY A 309 -11.16 -7.64 0.04
C GLY A 309 -11.51 -8.68 1.09
N LEU A 310 -12.73 -8.61 1.65
CA LEU A 310 -13.15 -9.52 2.72
C LEU A 310 -13.93 -10.76 2.23
N ILE A 311 -14.15 -10.90 0.91
CA ILE A 311 -14.88 -12.04 0.33
C ILE A 311 -14.07 -12.75 -0.79
N VAL A 312 -13.63 -11.99 -1.81
CA VAL A 312 -12.88 -12.52 -2.96
C VAL A 312 -11.45 -12.91 -2.55
N LEU A 313 -10.68 -11.96 -1.96
CA LEU A 313 -9.29 -12.19 -1.54
C LEU A 313 -9.12 -13.36 -0.54
N PRO A 314 -9.93 -13.52 0.55
CA PRO A 314 -9.74 -14.70 1.43
C PRO A 314 -9.97 -16.02 0.70
N LEU A 315 -10.87 -16.03 -0.32
CA LEU A 315 -11.15 -17.22 -1.13
C LEU A 315 -9.95 -17.59 -2.01
N ILE A 316 -9.14 -16.59 -2.43
CA ILE A 316 -7.92 -16.80 -3.23
C ILE A 316 -6.88 -17.51 -2.34
N TYR A 317 -6.75 -17.05 -1.08
CA TYR A 317 -5.85 -17.61 -0.07
C TYR A 317 -6.22 -19.07 0.26
N PHE A 318 -7.53 -19.36 0.35
CA PHE A 318 -8.05 -20.70 0.62
C PHE A 318 -7.88 -21.62 -0.59
N LEU A 319 -7.84 -21.04 -1.80
CA LEU A 319 -7.65 -21.79 -3.06
C LEU A 319 -6.17 -22.15 -3.25
N ILE A 320 -5.26 -21.51 -2.49
CA ILE A 320 -3.82 -21.75 -2.58
C ILE A 320 -3.28 -22.52 -1.35
N THR A 321 -3.46 -21.95 -0.14
CA THR A 321 -2.94 -22.54 1.10
C THR A 321 -3.87 -23.55 1.76
N ARG A 322 -5.20 -23.37 1.59
CA ARG A 322 -6.28 -24.16 2.22
C ARG A 322 -6.28 -23.98 3.75
N LYS A 323 -5.81 -22.78 4.19
CA LYS A 323 -5.72 -22.35 5.59
C LYS A 323 -6.68 -21.18 5.81
N ASN A 324 -7.16 -20.99 7.06
CA ASN A 324 -8.09 -19.92 7.43
C ASN A 324 -7.49 -18.52 7.22
N PRO A 325 -8.04 -17.73 6.27
CA PRO A 325 -7.49 -16.40 6.02
C PRO A 325 -7.91 -15.37 7.06
N PHE A 326 -9.08 -15.57 7.68
CA PHE A 326 -9.65 -14.67 8.69
C PHE A 326 -8.87 -14.72 10.03
N VAL A 327 -7.86 -15.60 10.13
CA VAL A 327 -6.95 -15.75 11.28
C VAL A 327 -5.62 -15.07 10.89
N PHE A 328 -5.27 -15.15 9.58
CA PHE A 328 -4.10 -14.53 8.97
C PHE A 328 -4.27 -13.01 8.94
N ILE A 329 -5.48 -12.53 8.53
CA ILE A 329 -5.86 -11.12 8.46
C ILE A 329 -5.85 -10.50 9.87
N ALA A 330 -6.18 -11.32 10.90
CA ALA A 330 -6.19 -10.92 12.31
C ALA A 330 -4.78 -10.59 12.82
N GLY A 331 -3.78 -11.31 12.31
CA GLY A 331 -2.38 -11.10 12.64
C GLY A 331 -1.85 -9.78 12.12
N ILE A 332 -2.29 -9.37 10.91
CA ILE A 332 -1.88 -8.12 10.25
C ILE A 332 -2.86 -6.97 10.51
N LEU A 333 -3.71 -7.08 11.56
CA LEU A 333 -4.68 -6.05 11.93
C LEU A 333 -4.04 -4.71 12.23
N GLN A 334 -2.97 -4.69 13.06
CA GLN A 334 -2.23 -3.50 13.47
C GLN A 334 -1.67 -2.70 12.29
N ALA A 335 -1.52 -3.36 11.12
CA ALA A 335 -1.07 -2.77 9.87
C ALA A 335 -2.26 -2.24 9.05
N LEU A 336 -3.44 -2.90 9.15
CA LEU A 336 -4.65 -2.49 8.44
C LEU A 336 -5.32 -1.31 9.15
N ILE A 337 -5.33 -1.33 10.50
CA ILE A 337 -5.88 -0.28 11.38
C ILE A 337 -5.09 1.02 11.13
N THR A 338 -3.75 0.91 11.02
CA THR A 338 -2.88 2.05 10.71
C THR A 338 -3.09 2.51 9.27
N ALA A 339 -3.36 1.58 8.33
CA ALA A 339 -3.63 1.93 6.92
C ALA A 339 -4.91 2.76 6.83
N LEU A 340 -5.88 2.45 7.72
CA LEU A 340 -7.18 3.11 7.88
C LEU A 340 -7.00 4.52 8.50
N GLY A 341 -5.77 4.86 8.89
CA GLY A 341 -5.40 6.14 9.46
C GLY A 341 -4.45 6.92 8.59
N THR A 342 -3.26 6.33 8.31
CA THR A 342 -2.17 6.91 7.51
C THR A 342 -2.60 7.17 6.07
N SER A 343 -3.42 6.25 5.49
CA SER A 343 -3.94 6.29 4.10
C SER A 343 -2.82 6.09 3.05
N SER A 344 -1.66 5.59 3.47
CA SER A 344 -0.52 5.36 2.60
C SER A 344 0.05 3.98 2.86
N SER A 345 0.12 3.13 1.81
CA SER A 345 0.69 1.78 1.90
C SER A 345 2.21 1.83 2.16
N SER A 346 2.83 3.02 1.88
CA SER A 346 4.24 3.37 2.10
C SER A 346 4.48 3.54 3.60
N ALA A 347 3.72 4.47 4.22
CA ALA A 347 3.74 4.81 5.64
C ALA A 347 3.51 3.58 6.54
N THR A 348 2.65 2.64 6.07
CA THR A 348 2.31 1.42 6.80
C THR A 348 3.15 0.20 6.42
N LEU A 349 3.89 0.23 5.29
CA LEU A 349 4.76 -0.87 4.90
C LEU A 349 5.74 -1.33 6.05
N PRO A 350 6.37 -0.43 6.86
CA PRO A 350 7.24 -0.93 7.94
C PRO A 350 6.49 -1.72 9.04
N ILE A 351 5.22 -1.35 9.31
CA ILE A 351 4.35 -2.01 10.30
C ILE A 351 3.86 -3.32 9.71
N THR A 352 3.47 -3.32 8.41
CA THR A 352 3.03 -4.48 7.62
C THR A 352 4.16 -5.51 7.60
N PHE A 353 5.43 -5.03 7.46
CA PHE A 353 6.63 -5.84 7.48
C PHE A 353 6.74 -6.52 8.84
N LYS A 354 6.46 -5.80 9.95
CA LYS A 354 6.50 -6.39 11.29
C LYS A 354 5.32 -7.34 11.54
N CYS A 355 4.13 -7.00 11.05
CA CYS A 355 2.90 -7.79 11.21
C CYS A 355 2.96 -9.16 10.48
N LEU A 356 3.80 -9.29 9.45
CA LEU A 356 3.97 -10.53 8.69
C LEU A 356 5.18 -11.32 9.14
N GLU A 357 6.28 -10.63 9.49
CA GLU A 357 7.51 -11.26 9.97
C GLU A 357 7.38 -11.71 11.44
N GLU A 358 6.51 -11.05 12.24
CA GLU A 358 6.35 -11.37 13.66
C GLU A 358 5.02 -12.09 13.99
N ASN A 359 3.86 -11.53 13.60
CA ASN A 359 2.57 -12.15 13.92
C ASN A 359 2.24 -13.40 13.08
N ASN A 360 2.11 -13.26 11.73
CA ASN A 360 1.77 -14.36 10.82
C ASN A 360 2.92 -15.34 10.55
N GLY A 361 4.13 -14.96 10.97
CA GLY A 361 5.35 -15.75 10.85
C GLY A 361 5.75 -16.14 9.44
N VAL A 362 5.63 -15.22 8.49
CA VAL A 362 5.99 -15.43 7.08
C VAL A 362 7.54 -15.38 6.96
N ASP A 363 8.12 -16.14 6.01
CA ASP A 363 9.56 -16.18 5.82
C ASP A 363 10.07 -14.84 5.32
N LYS A 364 11.06 -14.28 6.02
CA LYS A 364 11.72 -13.00 5.73
C LYS A 364 12.19 -12.92 4.27
N ARG A 365 12.71 -14.06 3.73
CA ARG A 365 13.21 -14.25 2.36
C ARG A 365 12.21 -13.83 1.29
N ILE A 366 10.91 -13.89 1.61
CA ILE A 366 9.87 -13.52 0.67
C ILE A 366 9.20 -12.17 1.04
N THR A 367 9.30 -11.74 2.32
CA THR A 367 8.73 -10.46 2.79
C THR A 367 9.48 -9.30 2.14
N ARG A 368 10.84 -9.34 2.24
CA ARG A 368 11.80 -8.37 1.67
C ARG A 368 11.75 -8.38 0.14
N PHE A 369 11.10 -9.40 -0.42
CA PHE A 369 10.94 -9.62 -1.84
C PHE A 369 9.58 -9.08 -2.33
N VAL A 370 8.47 -9.66 -1.86
CA VAL A 370 7.10 -9.34 -2.26
C VAL A 370 6.60 -7.98 -1.71
N LEU A 371 6.70 -7.74 -0.38
CA LEU A 371 6.17 -6.53 0.27
C LEU A 371 6.62 -5.18 -0.32
N PRO A 372 7.94 -4.83 -0.49
CA PRO A 372 8.27 -3.49 -1.05
C PRO A 372 7.66 -3.19 -2.43
N VAL A 373 7.68 -4.21 -3.33
CA VAL A 373 7.12 -4.15 -4.69
C VAL A 373 5.60 -4.00 -4.62
N GLY A 374 4.96 -4.93 -3.89
CA GLY A 374 3.52 -5.00 -3.67
C GLY A 374 2.88 -3.71 -3.21
N ALA A 375 3.54 -2.98 -2.29
CA ALA A 375 3.02 -1.73 -1.75
C ALA A 375 2.93 -0.58 -2.80
N THR A 376 3.85 -0.60 -3.81
CA THR A 376 4.02 0.38 -4.91
C THR A 376 3.32 0.06 -6.25
N ILE A 377 3.11 -1.25 -6.51
CA ILE A 377 2.52 -1.77 -7.75
C ILE A 377 1.13 -2.38 -7.49
N ASN A 378 1.02 -3.43 -6.63
CA ASN A 378 -0.26 -4.08 -6.32
C ASN A 378 -1.18 -3.16 -5.53
N MET A 379 -2.08 -2.50 -6.25
CA MET A 379 -3.04 -1.58 -5.66
C MET A 379 -4.45 -1.96 -6.10
N ASP A 380 -5.01 -2.98 -5.42
CA ASP A 380 -6.34 -3.54 -5.67
C ASP A 380 -7.44 -2.59 -5.22
N GLY A 381 -7.19 -1.84 -4.15
CA GLY A 381 -8.11 -0.84 -3.62
C GLY A 381 -8.23 0.36 -4.55
N THR A 382 -7.13 0.67 -5.28
CA THR A 382 -7.06 1.75 -6.26
C THR A 382 -7.81 1.33 -7.54
N ALA A 383 -7.53 0.12 -8.08
CA ALA A 383 -8.16 -0.43 -9.28
C ALA A 383 -9.70 -0.39 -9.26
N LEU A 384 -10.30 -0.68 -8.09
CA LEU A 384 -11.75 -0.67 -7.87
C LEU A 384 -12.27 0.76 -7.84
N TYR A 385 -11.59 1.66 -7.10
CA TYR A 385 -11.95 3.07 -6.96
C TYR A 385 -11.79 3.86 -8.26
N GLU A 386 -10.78 3.52 -9.09
CA GLU A 386 -10.53 4.17 -10.38
C GLU A 386 -11.63 3.81 -11.39
N ALA A 387 -12.13 2.55 -11.32
CA ALA A 387 -13.18 2.03 -12.17
C ALA A 387 -14.56 2.65 -11.85
N VAL A 388 -14.94 2.72 -10.56
CA VAL A 388 -16.22 3.29 -10.12
C VAL A 388 -16.29 4.80 -10.42
N ALA A 389 -15.23 5.56 -10.08
CA ALA A 389 -15.14 7.01 -10.31
C ALA A 389 -15.24 7.41 -11.79
N ALA A 390 -14.70 6.56 -12.70
CA ALA A 390 -14.75 6.82 -14.14
C ALA A 390 -16.16 6.65 -14.71
N ILE A 391 -16.93 5.66 -14.21
CA ILE A 391 -18.31 5.39 -14.65
C ILE A 391 -19.33 6.26 -13.87
N PHE A 392 -18.98 6.74 -12.66
CA PHE A 392 -19.85 7.61 -11.87
C PHE A 392 -19.97 8.99 -12.52
N ILE A 393 -18.87 9.51 -13.08
CA ILE A 393 -18.85 10.81 -13.76
C ILE A 393 -19.54 10.73 -15.14
N ALA A 394 -19.77 9.48 -15.65
CA ALA A 394 -20.44 9.23 -16.92
C ALA A 394 -21.96 9.48 -16.83
N GLN A 395 -22.51 9.57 -15.59
CA GLN A 395 -23.92 9.87 -15.32
C GLN A 395 -24.25 11.29 -15.79
N VAL A 396 -23.25 12.19 -15.76
CA VAL A 396 -23.33 13.58 -16.22
C VAL A 396 -23.58 13.60 -17.74
N ASN A 397 -22.89 12.70 -18.49
CA ASN A 397 -23.01 12.56 -19.94
C ASN A 397 -24.41 12.06 -20.35
N GLN A 405 -17.88 0.36 -24.53
CA GLN A 405 -16.43 0.57 -24.59
C GLN A 405 -15.79 0.54 -23.19
N ILE A 406 -16.10 -0.53 -22.43
CA ILE A 406 -15.60 -0.76 -21.07
C ILE A 406 -14.11 -1.19 -21.10
N ILE A 407 -13.67 -1.78 -22.24
CA ILE A 407 -12.31 -2.25 -22.49
C ILE A 407 -11.26 -1.11 -22.35
N THR A 408 -11.63 0.12 -22.75
CA THR A 408 -10.76 1.30 -22.65
C THR A 408 -10.68 1.85 -21.21
N ILE A 409 -11.65 1.48 -20.34
CA ILE A 409 -11.72 1.90 -18.93
C ILE A 409 -11.07 0.84 -18.03
N SER A 410 -11.33 -0.45 -18.30
CA SER A 410 -10.80 -1.59 -17.55
C SER A 410 -9.28 -1.73 -17.66
N ILE A 411 -8.71 -1.42 -18.86
CA ILE A 411 -7.27 -1.49 -19.10
C ILE A 411 -6.54 -0.33 -18.41
N THR A 412 -7.09 0.91 -18.49
CA THR A 412 -6.50 2.12 -17.88
C THR A 412 -6.52 2.09 -16.34
N ALA A 413 -7.62 1.60 -15.73
CA ALA A 413 -7.77 1.52 -14.26
C ALA A 413 -6.80 0.50 -13.63
N THR A 414 -6.45 -0.56 -14.38
CA THR A 414 -5.48 -1.58 -13.99
C THR A 414 -4.09 -0.96 -14.12
N ALA A 415 -3.89 -0.13 -15.17
CA ALA A 415 -2.63 0.57 -15.45
C ALA A 415 -2.36 1.70 -14.46
N ALA A 416 -3.43 2.29 -13.87
CA ALA A 416 -3.34 3.37 -12.88
C ALA A 416 -2.82 2.85 -11.53
N SER A 417 -3.12 1.57 -11.22
CA SER A 417 -2.70 0.88 -10.01
C SER A 417 -1.18 0.71 -9.92
N ILE A 418 -0.53 0.38 -11.06
CA ILE A 418 0.93 0.22 -11.17
C ILE A 418 1.59 1.61 -11.13
N GLY A 419 0.83 2.63 -11.52
CA GLY A 419 1.24 4.03 -11.59
C GLY A 419 1.67 4.68 -10.29
N ALA A 420 2.84 5.34 -10.34
CA ALA A 420 3.49 6.08 -9.26
C ALA A 420 4.48 7.08 -9.92
N ALA A 421 3.91 8.14 -10.56
CA ALA A 421 4.64 9.18 -11.27
C ALA A 421 4.33 10.59 -10.77
N GLY A 422 5.33 11.48 -10.86
CA GLY A 422 5.24 12.88 -10.46
C GLY A 422 5.26 13.13 -8.96
N ILE A 423 4.27 13.91 -8.47
CA ILE A 423 4.10 14.30 -7.07
C ILE A 423 3.34 13.23 -6.25
N PRO A 424 3.79 12.85 -5.02
CA PRO A 424 3.04 11.84 -4.24
C PRO A 424 1.71 12.41 -3.70
N GLN A 425 0.58 11.75 -4.02
CA GLN A 425 -0.78 12.20 -3.65
C GLN A 425 -1.64 11.15 -2.92
N ALA A 426 -2.98 11.35 -2.96
CA ALA A 426 -3.99 10.49 -2.34
C ALA A 426 -4.76 9.63 -3.36
N GLY A 427 -4.29 9.60 -4.61
CA GLY A 427 -4.89 8.80 -5.67
C GLY A 427 -5.55 9.57 -6.80
N LEU A 428 -5.66 10.91 -6.64
CA LEU A 428 -6.29 11.81 -7.62
C LEU A 428 -5.28 12.27 -8.70
N VAL A 429 -3.99 11.97 -8.50
CA VAL A 429 -2.88 12.31 -9.40
C VAL A 429 -2.99 11.62 -10.78
N THR A 430 -3.65 10.44 -10.83
CA THR A 430 -3.81 9.63 -12.04
C THR A 430 -5.23 9.67 -12.65
N MET A 431 -6.13 10.53 -12.14
CA MET A 431 -7.51 10.64 -12.63
C MET A 431 -7.65 11.32 -14.00
N VAL A 432 -6.64 12.10 -14.42
CA VAL A 432 -6.65 12.78 -15.72
C VAL A 432 -6.36 11.76 -16.84
N ILE A 433 -5.37 10.88 -16.61
CA ILE A 433 -4.90 9.82 -17.51
C ILE A 433 -5.99 8.77 -17.82
N VAL A 434 -6.71 8.30 -16.78
CA VAL A 434 -7.76 7.27 -16.87
C VAL A 434 -9.01 7.77 -17.67
N LEU A 435 -9.25 9.09 -17.77
CA LEU A 435 -10.40 9.67 -18.47
C LEU A 435 -10.10 10.18 -19.89
N THR A 436 -8.85 10.62 -20.16
CA THR A 436 -8.43 11.15 -21.46
C THR A 436 -8.34 10.03 -22.52
N ALA A 437 -7.81 8.86 -22.16
CA ALA A 437 -7.65 7.70 -23.04
C ALA A 437 -8.98 7.14 -23.56
N VAL A 438 -10.06 7.27 -22.75
CA VAL A 438 -11.41 6.79 -23.11
C VAL A 438 -12.22 7.91 -23.82
N GLY A 439 -12.22 9.12 -23.24
CA GLY A 439 -12.92 10.28 -23.79
C GLY A 439 -13.98 10.87 -22.89
N LEU A 440 -13.79 10.75 -21.57
CA LEU A 440 -14.71 11.27 -20.55
C LEU A 440 -14.30 12.67 -20.08
N PRO A 441 -15.25 13.54 -19.59
CA PRO A 441 -14.85 14.89 -19.15
C PRO A 441 -13.89 14.93 -17.96
N THR A 442 -12.69 15.50 -18.19
CA THR A 442 -11.62 15.64 -17.20
C THR A 442 -11.93 16.65 -16.10
N ASP A 443 -12.72 17.69 -16.42
CA ASP A 443 -13.10 18.77 -15.51
C ASP A 443 -14.12 18.36 -14.41
N ASP A 444 -14.66 17.12 -14.48
CA ASP A 444 -15.64 16.60 -13.52
C ASP A 444 -15.00 15.94 -12.28
N ILE A 445 -13.70 16.22 -12.03
CA ILE A 445 -12.93 15.67 -10.91
C ILE A 445 -13.29 16.32 -9.56
N THR A 446 -13.53 17.65 -9.53
CA THR A 446 -13.86 18.46 -8.34
C THR A 446 -15.07 17.98 -7.52
N LEU A 447 -15.85 17.01 -8.05
CA LEU A 447 -17.03 16.47 -7.38
C LEU A 447 -16.67 15.43 -6.31
N ILE A 448 -15.84 14.43 -6.67
CA ILE A 448 -15.46 13.29 -5.83
C ILE A 448 -14.37 13.59 -4.76
N ILE A 449 -13.59 14.68 -4.92
CA ILE A 449 -12.49 15.07 -4.01
C ILE A 449 -12.98 15.29 -2.56
N ALA A 450 -14.23 15.75 -2.38
CA ALA A 450 -14.83 16.00 -1.06
C ALA A 450 -15.08 14.73 -0.22
N VAL A 451 -15.32 13.59 -0.89
CA VAL A 451 -15.58 12.30 -0.24
C VAL A 451 -14.35 11.35 -0.31
N ASP A 452 -13.46 11.58 -1.29
CA ASP A 452 -12.23 10.81 -1.57
C ASP A 452 -11.39 10.46 -0.34
N TRP A 453 -11.25 11.43 0.59
CA TRP A 453 -10.44 11.28 1.81
C TRP A 453 -10.89 10.13 2.72
N LEU A 454 -12.21 9.92 2.89
CA LEU A 454 -12.70 8.82 3.73
C LEU A 454 -12.56 7.48 2.99
N LEU A 455 -12.72 7.50 1.65
CA LEU A 455 -12.60 6.32 0.78
C LEU A 455 -11.15 5.84 0.68
N ASP A 456 -10.18 6.80 0.71
CA ASP A 456 -8.74 6.59 0.66
C ASP A 456 -8.28 5.65 1.78
N ARG A 457 -8.83 5.85 2.99
CA ARG A 457 -8.54 5.05 4.19
C ARG A 457 -8.93 3.58 3.99
N PHE A 458 -10.04 3.31 3.27
CA PHE A 458 -10.51 1.95 2.98
C PHE A 458 -9.78 1.40 1.76
N ARG A 459 -9.46 2.28 0.81
CA ARG A 459 -8.73 1.98 -0.42
C ARG A 459 -7.35 1.39 -0.10
N THR A 460 -6.63 2.02 0.85
CA THR A 460 -5.30 1.63 1.31
C THR A 460 -5.33 0.25 2.00
N MET A 461 -6.40 -0.01 2.78
CA MET A 461 -6.58 -1.28 3.50
C MET A 461 -6.56 -2.48 2.56
N VAL A 462 -7.17 -2.35 1.37
CA VAL A 462 -7.21 -3.38 0.33
C VAL A 462 -5.83 -3.49 -0.35
N ASN A 463 -5.12 -2.35 -0.52
CA ASN A 463 -3.77 -2.26 -1.11
C ASN A 463 -2.75 -3.03 -0.28
N VAL A 464 -2.89 -2.95 1.07
CA VAL A 464 -2.05 -3.62 2.08
C VAL A 464 -2.45 -5.10 2.19
N LEU A 465 -3.77 -5.39 2.21
CA LEU A 465 -4.36 -6.72 2.28
C LEU A 465 -4.02 -7.55 1.04
N GLY A 466 -3.82 -6.86 -0.09
CA GLY A 466 -3.46 -7.47 -1.37
C GLY A 466 -2.10 -8.13 -1.34
N ASP A 467 -1.08 -7.40 -0.84
CA ASP A 467 0.30 -7.89 -0.73
C ASP A 467 0.49 -8.77 0.49
N ALA A 468 -0.24 -8.47 1.58
CA ALA A 468 -0.19 -9.24 2.83
C ALA A 468 -0.65 -10.68 2.60
N LEU A 469 -1.84 -10.87 1.97
CA LEU A 469 -2.36 -12.19 1.63
C LEU A 469 -1.51 -12.80 0.50
N GLY A 470 -1.06 -11.93 -0.41
CA GLY A 470 -0.20 -12.29 -1.53
C GLY A 470 1.09 -12.94 -1.10
N ALA A 471 1.66 -12.49 0.04
CA ALA A 471 2.89 -13.03 0.64
C ALA A 471 2.73 -14.50 1.01
N GLY A 472 1.64 -14.82 1.71
CA GLY A 472 1.30 -16.19 2.09
C GLY A 472 1.16 -17.10 0.89
N ILE A 473 0.48 -16.59 -0.16
CA ILE A 473 0.23 -17.30 -1.43
C ILE A 473 1.54 -17.57 -2.19
N VAL A 474 2.44 -16.57 -2.26
CA VAL A 474 3.75 -16.71 -2.92
C VAL A 474 4.64 -17.67 -2.10
N GLU A 475 4.66 -17.52 -0.76
CA GLU A 475 5.42 -18.36 0.17
C GLU A 475 5.03 -19.83 0.02
N HIS A 476 3.72 -20.11 -0.04
CA HIS A 476 3.19 -21.46 -0.21
C HIS A 476 3.52 -22.02 -1.60
N LEU A 477 3.52 -21.15 -2.64
CA LEU A 477 3.84 -21.53 -4.02
C LEU A 477 5.35 -21.73 -4.26
N SER A 478 6.20 -21.20 -3.37
CA SER A 478 7.65 -21.31 -3.49
C SER A 478 8.22 -22.26 -2.42
N ARG A 479 7.62 -23.46 -2.29
CA ARG A 479 8.02 -24.50 -1.33
C ARG A 479 9.40 -25.09 -1.62
N LYS A 480 9.69 -25.38 -2.91
CA LYS A 480 10.94 -25.95 -3.40
C LYS A 480 12.11 -24.95 -3.27
N GLU A 481 11.89 -23.70 -3.73
CA GLU A 481 12.86 -22.60 -3.74
C GLU A 481 13.36 -22.23 -2.35
N LEU A 482 12.48 -22.28 -1.33
CA LEU A 482 12.82 -21.94 0.05
C LEU A 482 13.48 -23.12 0.78
N GLU A 483 13.18 -24.36 0.35
CA GLU A 483 13.76 -25.57 0.94
C GLU A 483 15.22 -25.77 0.51
N LYS A 484 15.50 -25.53 -0.79
CA LYS A 484 16.83 -25.65 -1.39
C LYS A 484 17.86 -24.65 -0.85
N GLN A 485 17.39 -23.48 -0.36
CA GLN A 485 18.23 -22.42 0.19
C GLN A 485 18.93 -22.79 1.50
N ASP A 486 18.31 -23.69 2.29
CA ASP A 486 18.85 -24.14 3.58
C ASP A 486 19.82 -25.31 3.41
N ALA A 487 21.04 -25.15 3.98
CA ALA A 487 22.17 -26.10 3.97
C ALA A 487 22.56 -26.57 2.56
N1 6Z6 B . 7.13 -8.71 -6.24
C2 6Z6 B . 7.60 -6.15 -10.96
O2 6Z6 B . 11.65 -9.42 -7.41
C4 6Z6 B . 8.99 -7.62 -9.64
C5 6Z6 B . 9.77 -6.54 -9.29
C6 6Z6 B . 9.48 -5.26 -9.75
O1 6Z6 B . 9.69 -10.29 -11.60
C9 6Z6 B . 10.69 -9.97 -10.95
C8 6Z6 B . 10.59 -9.57 -9.55
C13 6Z6 B . 11.67 -9.70 -8.77
C14 6Z6 B . 10.47 -9.06 -6.82
N 6Z6 B . 10.62 -8.96 -5.51
C15 6Z6 B . 9.32 -8.95 -7.53
C16 6Z6 B . 8.09 -8.81 -6.84
C7 6Z6 B . 9.27 -9.01 -9.05
C3 6Z6 B . 7.91 -7.42 -10.49
C1 6Z6 B . 8.39 -5.06 -10.58
O 6Z6 B . 8.24 -3.74 -10.92
C 6Z6 B . 7.15 -3.36 -11.76
C10 6Z6 B . 12.06 -10.00 -11.58
C11 6Z6 B . 13.08 -10.65 -10.65
C12 6Z6 B . 13.03 -10.09 -9.22
C17 6Z6 B . 14.45 -10.91 -11.24
C18 6Z6 B . 14.79 -12.20 -11.59
C19 6Z6 B . 16.03 -12.51 -12.13
C20 6Z6 B . 16.96 -11.54 -12.32
C21 6Z6 B . 16.69 -10.19 -11.98
C26 6Z6 B . 15.41 -9.86 -11.43
C22 6Z6 B . 17.65 -9.16 -12.15
C23 6Z6 B . 17.37 -7.87 -11.80
C24 6Z6 B . 16.13 -7.54 -11.28
C25 6Z6 B . 15.17 -8.51 -11.10
C 7O9 C . -1.73 3.97 -1.31
F2 7O9 C . 7.48 0.74 -1.39
C13 7O9 C . 7.14 1.77 -0.61
F 7O9 C . 8.27 2.45 -0.40
F1 7O9 C . 6.81 1.24 0.57
C12 7O9 C . 6.05 2.60 -1.18
C11 7O9 C . 6.30 3.91 -1.60
C10 7O9 C . 5.27 4.71 -2.06
C14 7O9 C . 4.75 2.12 -1.26
C15 7O9 C . 3.72 2.92 -1.70
C9 7O9 C . 3.96 4.23 -2.09
C8 7O9 C . 2.82 5.11 -2.51
O5 7O9 C . 2.15 5.70 -1.67
N 7O9 C . 2.61 5.19 -3.85
C7 7O9 C . 1.49 5.73 -4.53
C6 7O9 C . 0.39 6.26 -3.86
C16 7O9 C . 1.49 5.68 -5.92
C17 7O9 C . 0.39 6.13 -6.62
C18 7O9 C . -0.71 6.64 -5.95
C5 7O9 C . -0.72 6.71 -4.55
C4 7O9 C . -1.92 7.26 -3.83
O4 7O9 C . -2.27 6.45 -2.69
C2 7O9 C . -3.03 5.29 -3.01
C3 7O9 C . -4.41 5.60 -3.56
O3 7O9 C . -5.17 6.32 -2.77
O2 7O9 C . -4.77 5.21 -4.66
C1 7O9 C . -3.12 4.52 -1.69
N1 7O9 C . -3.72 5.28 -0.60
O1 7O9 C . -1.44 2.81 -1.49
O 7O9 C . -0.92 4.86 -0.79
#